data_8YZR
#
_entry.id   8YZR
#
_cell.length_a   162.672
_cell.length_b   65.388
_cell.length_c   50.311
_cell.angle_alpha   90.000
_cell.angle_beta   90.420
_cell.angle_gamma   90.000
#
_symmetry.space_group_name_H-M   'C 1 2 1'
#
loop_
_entity.id
_entity.type
_entity.pdbx_description
1 polymer 'MHC class I antigen'
2 polymer Beta-2-microglobulin
3 polymer 'Spike protein S1'
4 water water
#
loop_
_entity_poly.entity_id
_entity_poly.type
_entity_poly.pdbx_seq_one_letter_code
_entity_poly.pdbx_strand_id
1 'polypeptide(L)'
;GSHSMRYFSTSVSRPGRGEPRFIAVGYVDDTQFVRFDSDAASQRMEPRAPWIEQEGPEYWDEETGKVKAHSQTDRENLRI
ALRYYNQSEAGSHTLQMMFGCDVGSDGRFLRGYHQYAYDGKDYIALKEDLRSWTAADMAAQITKRKWEAAHVAEQQRAYL
EGTCVDGLRRYLENGKETLQRTDPPKTHMTHHPISDHEATLRCWALGFYPAEITLTWQRDGEDQTQDTELVETRPAGDGT
FQKWAAVVVPSGEEQRYTCHVQHEGLPKPLTLRW
;
A
2 'polypeptide(L)'
;IQRTPKIQVYSRHPAENGKSNFLNCYVSGFHPSDIEVDLLKNGERIEKVEHSDLSFSKDWSFYLLYYTEFTPTEKDEYAC
RVNHVTLSQPKIVKWDRDM
;
B
3 'polypeptide(L)' NYNYLYRLL E
#
# COMPACT_ATOMS: atom_id res chain seq x y z
N GLY A 1 -3.70 -0.03 -20.37
CA GLY A 1 -2.53 -0.39 -21.14
C GLY A 1 -1.25 0.18 -20.54
N SER A 2 -1.41 1.18 -19.67
CA SER A 2 -0.27 1.83 -19.06
C SER A 2 0.14 1.14 -17.74
N HIS A 3 1.37 1.39 -17.32
CA HIS A 3 1.98 0.65 -16.24
C HIS A 3 2.88 1.57 -15.44
N SER A 4 3.22 1.15 -14.23
CA SER A 4 4.01 1.96 -13.32
C SER A 4 5.05 1.08 -12.64
N MET A 5 6.16 1.71 -12.22
CA MET A 5 7.07 1.07 -11.29
C MET A 5 7.29 2.10 -10.20
N ARG A 6 7.30 1.66 -8.96
CA ARG A 6 7.57 2.53 -7.83
C ARG A 6 8.51 1.84 -6.87
N TYR A 7 9.40 2.63 -6.28
CA TYR A 7 10.14 2.25 -5.10
C TYR A 7 9.75 3.15 -3.94
N PHE A 8 9.41 2.54 -2.80
CA PHE A 8 9.05 3.26 -1.59
C PHE A 8 10.11 2.99 -0.52
N SER A 9 10.65 4.05 0.07
CA SER A 9 11.56 3.87 1.20
C SER A 9 11.04 4.63 2.43
N THR A 10 11.31 4.06 3.60
CA THR A 10 10.98 4.66 4.91
C THR A 10 12.21 4.59 5.82
N SER A 11 12.70 5.76 6.26
CA SER A 11 13.74 5.84 7.30
C SER A 11 13.13 6.37 8.59
N VAL A 12 13.35 5.66 9.69
CA VAL A 12 12.78 6.03 10.98
C VAL A 12 13.91 6.06 12.00
N SER A 13 14.15 7.23 12.60
CA SER A 13 15.14 7.32 13.66
C SER A 13 14.60 6.71 14.95
N ARG A 14 15.47 6.02 15.69
CA ARG A 14 15.11 5.38 16.96
C ARG A 14 16.11 5.86 18.01
N PRO A 15 15.93 7.07 18.53
CA PRO A 15 16.93 7.62 19.45
C PRO A 15 17.12 6.74 20.67
N GLY A 16 18.38 6.51 21.03
CA GLY A 16 18.70 5.61 22.13
C GLY A 16 18.48 4.15 21.84
N ARG A 17 18.24 3.76 20.57
CA ARG A 17 17.98 2.36 20.26
C ARG A 17 18.63 1.96 18.94
N GLY A 18 19.75 2.58 18.59
CA GLY A 18 20.48 2.19 17.41
C GLY A 18 20.29 3.18 16.27
N GLU A 19 20.90 2.83 15.14
CA GLU A 19 20.87 3.65 13.93
C GLU A 19 19.44 3.62 13.37
N PRO A 20 19.06 4.60 12.56
CA PRO A 20 17.71 4.59 11.99
C PRO A 20 17.42 3.34 11.15
N ARG A 21 16.20 2.83 11.29
CA ARG A 21 15.76 1.71 10.49
C ARG A 21 15.31 2.18 9.11
N PHE A 22 15.74 1.45 8.09
CA PHE A 22 15.46 1.77 6.69
C PHE A 22 14.81 0.56 6.05
N ILE A 23 13.63 0.77 5.46
CA ILE A 23 12.89 -0.27 4.74
C ILE A 23 12.52 0.28 3.37
N ALA A 24 12.85 -0.47 2.32
CA ALA A 24 12.47 -0.11 0.96
C ALA A 24 11.78 -1.29 0.28
N VAL A 25 10.77 -0.99 -0.56
CA VAL A 25 10.06 -1.99 -1.35
C VAL A 25 9.92 -1.50 -2.78
N GLY A 26 9.79 -2.43 -3.72
CA GLY A 26 9.54 -2.08 -5.10
C GLY A 26 8.32 -2.80 -5.63
N TYR A 27 7.63 -2.12 -6.56
CA TYR A 27 6.35 -2.55 -7.11
C TYR A 27 6.36 -2.33 -8.61
N VAL A 28 5.82 -3.30 -9.35
CA VAL A 28 5.33 -3.03 -10.69
C VAL A 28 3.80 -3.08 -10.60
N ASP A 29 3.13 -2.00 -10.98
CA ASP A 29 1.69 -1.87 -10.80
C ASP A 29 1.30 -2.20 -9.37
N ASP A 30 0.42 -3.18 -9.14
CA ASP A 30 0.01 -3.55 -7.78
C ASP A 30 0.71 -4.80 -7.28
N THR A 31 1.90 -5.09 -7.80
CA THR A 31 2.62 -6.33 -7.52
C THR A 31 3.99 -5.98 -6.94
N GLN A 32 4.21 -6.35 -5.68
CA GLN A 32 5.52 -6.12 -5.09
C GLN A 32 6.51 -7.09 -5.72
N PHE A 33 7.77 -6.66 -5.88
CA PHE A 33 8.77 -7.60 -6.38
C PHE A 33 10.10 -7.60 -5.66
N VAL A 34 10.47 -6.58 -4.88
CA VAL A 34 11.68 -6.60 -4.06
C VAL A 34 11.43 -5.92 -2.72
N ARG A 35 12.33 -6.18 -1.78
CA ARG A 35 12.33 -5.57 -0.46
C ARG A 35 13.77 -5.48 0.06
N PHE A 36 14.01 -4.48 0.91
CA PHE A 36 15.23 -4.41 1.71
C PHE A 36 14.87 -3.94 3.11
N ASP A 37 15.46 -4.56 4.13
CA ASP A 37 15.24 -4.17 5.51
C ASP A 37 16.58 -4.08 6.21
N SER A 38 16.93 -2.87 6.67
CA SER A 38 18.23 -2.67 7.28
C SER A 38 18.43 -3.51 8.54
N ASP A 39 17.35 -3.93 9.20
CA ASP A 39 17.49 -4.75 10.40
C ASP A 39 17.58 -6.24 10.10
N ALA A 40 17.28 -6.66 8.87
CA ALA A 40 17.36 -8.08 8.56
C ALA A 40 18.83 -8.52 8.50
N ALA A 41 19.02 -9.83 8.61
CA ALA A 41 20.39 -10.35 8.74
C ALA A 41 21.11 -10.37 7.40
N SER A 42 20.41 -10.76 6.33
CA SER A 42 21.02 -10.94 5.02
C SER A 42 21.72 -9.69 4.51
N GLN A 43 21.22 -8.49 4.86
CA GLN A 43 21.72 -7.23 4.29
C GLN A 43 21.68 -7.24 2.76
N ARG A 44 20.68 -7.89 2.16
CA ARG A 44 20.53 -7.93 0.71
C ARG A 44 19.14 -7.50 0.27
N MET A 45 19.06 -6.90 -0.91
CA MET A 45 17.81 -6.87 -1.65
C MET A 45 17.31 -8.28 -1.88
N GLU A 46 16.01 -8.50 -1.63
CA GLU A 46 15.49 -9.86 -1.73
C GLU A 46 14.29 -9.93 -2.66
N PRO A 47 14.19 -11.00 -3.44
CA PRO A 47 13.04 -11.14 -4.34
C PRO A 47 11.75 -11.35 -3.56
N ARG A 48 10.66 -10.79 -4.07
CA ARG A 48 9.32 -10.97 -3.51
C ARG A 48 8.30 -11.32 -4.60
N ALA A 49 8.78 -11.74 -5.78
CA ALA A 49 7.92 -12.19 -6.87
C ALA A 49 8.64 -13.31 -7.62
N PRO A 50 7.91 -14.28 -8.17
CA PRO A 50 8.60 -15.38 -8.87
C PRO A 50 9.35 -14.93 -10.12
N TRP A 51 8.83 -13.95 -10.85
CA TRP A 51 9.42 -13.57 -12.13
C TRP A 51 10.68 -12.72 -11.98
N ILE A 52 10.96 -12.16 -10.81
CA ILE A 52 12.23 -11.47 -10.60
C ILE A 52 13.37 -12.42 -10.20
N GLU A 53 13.05 -13.66 -9.82
CA GLU A 53 14.11 -14.59 -9.48
C GLU A 53 14.93 -15.01 -10.69
N GLN A 54 14.39 -14.84 -11.90
CA GLN A 54 15.19 -15.04 -13.10
C GLN A 54 16.47 -14.21 -13.08
N GLU A 55 16.41 -13.04 -12.46
CA GLU A 55 17.54 -12.13 -12.50
C GLU A 55 18.77 -12.78 -11.89
N GLY A 56 19.93 -12.58 -12.54
CA GLY A 56 21.14 -13.24 -12.16
C GLY A 56 21.85 -12.56 -11.00
N PRO A 57 22.99 -13.13 -10.61
CA PRO A 57 23.68 -12.66 -9.39
C PRO A 57 24.20 -11.23 -9.51
N GLU A 58 24.58 -10.79 -10.70
CA GLU A 58 25.03 -9.41 -10.85
C GLU A 58 23.92 -8.40 -10.54
N TYR A 59 22.68 -8.72 -10.94
CA TYR A 59 21.53 -7.88 -10.57
C TYR A 59 21.42 -7.73 -9.06
N TRP A 60 21.43 -8.84 -8.33
CA TRP A 60 21.20 -8.79 -6.89
C TRP A 60 22.34 -8.07 -6.18
N ASP A 61 23.59 -8.28 -6.63
CA ASP A 61 24.70 -7.52 -6.07
C ASP A 61 24.51 -6.02 -6.32
N GLU A 62 24.21 -5.65 -7.57
CA GLU A 62 24.10 -4.24 -7.91
C GLU A 62 22.91 -3.59 -7.20
N GLU A 63 21.74 -4.25 -7.22
CA GLU A 63 20.60 -3.63 -6.55
C GLU A 63 20.84 -3.53 -5.05
N THR A 64 21.53 -4.51 -4.47
CA THR A 64 21.89 -4.40 -3.05
C THR A 64 22.82 -3.22 -2.81
N GLY A 65 23.84 -3.05 -3.66
CA GLY A 65 24.68 -1.86 -3.55
C GLY A 65 23.86 -0.59 -3.55
N LYS A 66 22.92 -0.46 -4.49
CA LYS A 66 22.17 0.79 -4.61
C LYS A 66 21.28 1.04 -3.40
N VAL A 67 20.64 0.01 -2.85
CA VAL A 67 19.67 0.31 -1.77
C VAL A 67 20.41 0.60 -0.45
N LYS A 68 21.55 -0.06 -0.20
CA LYS A 68 22.35 0.26 0.97
C LYS A 68 22.88 1.69 0.88
N ALA A 69 23.28 2.12 -0.31
CA ALA A 69 23.71 3.51 -0.47
C ALA A 69 22.59 4.46 -0.11
N HIS A 70 21.38 4.19 -0.60
CA HIS A 70 20.23 5.02 -0.24
C HIS A 70 20.04 5.02 1.27
N SER A 71 20.20 3.86 1.92
CA SER A 71 19.99 3.80 3.36
C SER A 71 20.95 4.73 4.09
N GLN A 72 22.22 4.79 3.68
CA GLN A 72 23.15 5.70 4.32
C GLN A 72 22.83 7.16 3.98
N THR A 73 22.45 7.43 2.74
CA THR A 73 22.07 8.81 2.38
C THR A 73 20.92 9.30 3.24
N ASP A 74 19.88 8.49 3.42
CA ASP A 74 18.73 9.01 4.13
C ASP A 74 18.94 9.05 5.64
N ARG A 75 19.88 8.25 6.20
CA ARG A 75 20.29 8.47 7.60
C ARG A 75 20.87 9.86 7.78
N GLU A 76 21.73 10.29 6.85
CA GLU A 76 22.22 11.66 6.88
C GLU A 76 21.07 12.67 6.74
N ASN A 77 20.16 12.42 5.81
CA ASN A 77 19.07 13.39 5.58
C ASN A 77 18.20 13.55 6.82
N LEU A 78 18.08 12.50 7.63
CA LEU A 78 17.33 12.61 8.88
C LEU A 78 17.98 13.62 9.81
N ARG A 79 19.30 13.63 9.87
CA ARG A 79 20.01 14.54 10.76
C ARG A 79 19.94 15.97 10.24
N ILE A 80 20.06 16.15 8.93
CA ILE A 80 19.93 17.49 8.32
C ILE A 80 18.54 18.05 8.57
N ALA A 81 17.51 17.22 8.34
CA ALA A 81 16.16 17.72 8.56
C ALA A 81 15.96 18.09 10.02
N LEU A 82 16.61 17.37 10.91
CA LEU A 82 16.52 17.71 12.33
C LEU A 82 17.08 19.13 12.56
N ARG A 83 18.17 19.46 11.86
CA ARG A 83 18.74 20.79 11.99
C ARG A 83 17.83 21.85 11.37
N TYR A 84 17.34 21.59 10.15
CA TYR A 84 16.45 22.57 9.49
C TYR A 84 15.26 22.96 10.36
N TYR A 85 14.64 21.99 11.04
CA TYR A 85 13.44 22.27 11.82
C TYR A 85 13.74 22.63 13.26
N ASN A 86 15.02 22.61 13.65
CA ASN A 86 15.46 22.83 15.03
C ASN A 86 14.73 21.89 15.99
N GLN A 87 15.02 20.59 15.84
CA GLN A 87 14.44 19.60 16.73
C GLN A 87 15.54 18.85 17.48
N SER A 88 15.17 18.27 18.61
CA SER A 88 16.19 17.62 19.42
C SER A 88 16.46 16.23 18.88
N GLU A 89 17.66 15.73 19.18
CA GLU A 89 17.97 14.36 18.85
C GLU A 89 17.18 13.36 19.71
N ALA A 90 16.35 13.86 20.63
CA ALA A 90 15.61 12.98 21.53
C ALA A 90 14.46 12.28 20.82
N GLY A 91 13.82 12.94 19.86
CA GLY A 91 12.61 12.40 19.29
C GLY A 91 12.83 11.55 18.04
N SER A 92 11.84 10.72 17.73
CA SER A 92 11.87 9.87 16.55
C SER A 92 11.15 10.57 15.40
N HIS A 93 11.72 10.45 14.19
CA HIS A 93 11.20 11.11 12.99
C HIS A 93 11.30 10.17 11.80
N THR A 94 10.58 10.53 10.73
CA THR A 94 10.39 9.66 9.57
C THR A 94 10.66 10.42 8.28
N LEU A 95 11.46 9.82 7.41
CA LEU A 95 11.75 10.33 6.08
C LEU A 95 11.33 9.24 5.09
N GLN A 96 10.34 9.54 4.27
CA GLN A 96 9.90 8.62 3.24
C GLN A 96 10.24 9.19 1.87
N MET A 97 10.60 8.30 0.94
CA MET A 97 10.87 8.74 -0.42
C MET A 97 10.14 7.81 -1.36
N MET A 98 9.72 8.36 -2.49
CA MET A 98 9.18 7.54 -3.55
C MET A 98 9.77 8.03 -4.85
N PHE A 99 10.09 7.10 -5.74
CA PHE A 99 10.56 7.45 -7.07
C PHE A 99 10.12 6.35 -8.02
N GLY A 100 10.11 6.66 -9.31
CA GLY A 100 9.74 5.66 -10.29
C GLY A 100 9.26 6.30 -11.56
N CYS A 101 8.49 5.54 -12.34
CA CYS A 101 8.05 6.05 -13.64
C CYS A 101 6.77 5.37 -14.06
N ASP A 102 6.06 6.02 -14.98
CA ASP A 102 4.92 5.48 -15.68
C ASP A 102 5.27 5.33 -17.16
N VAL A 103 4.72 4.29 -17.79
CA VAL A 103 4.84 4.12 -19.24
C VAL A 103 3.45 3.91 -19.82
N GLY A 104 3.31 4.25 -21.10
CA GLY A 104 2.07 4.01 -21.82
C GLY A 104 1.99 2.58 -22.35
N SER A 105 0.91 2.32 -23.10
CA SER A 105 0.70 0.97 -23.65
C SER A 105 1.81 0.57 -24.60
N ASP A 106 2.32 1.52 -25.37
CA ASP A 106 3.43 1.29 -26.29
C ASP A 106 4.78 1.33 -25.59
N GLY A 107 4.80 1.36 -24.26
CA GLY A 107 6.03 1.31 -23.51
C GLY A 107 6.80 2.60 -23.39
N ARG A 108 6.34 3.68 -24.04
CA ARG A 108 7.14 4.90 -23.98
C ARG A 108 6.93 5.63 -22.66
N PHE A 109 7.90 6.48 -22.31
CA PHE A 109 7.89 7.21 -21.06
C PHE A 109 6.69 8.16 -20.95
N LEU A 110 6.03 8.12 -19.82
CA LEU A 110 4.86 8.96 -19.57
C LEU A 110 5.14 10.00 -18.49
N ARG A 111 5.83 9.62 -17.42
CA ARG A 111 5.96 10.50 -16.28
C ARG A 111 7.00 9.91 -15.32
N GLY A 112 7.70 10.78 -14.61
CA GLY A 112 8.70 10.35 -13.64
C GLY A 112 8.50 11.04 -12.30
N TYR A 113 8.87 10.33 -11.23
CA TYR A 113 8.63 10.81 -9.88
C TYR A 113 9.86 10.66 -9.01
N HIS A 114 9.99 11.56 -8.03
CA HIS A 114 11.15 11.64 -7.15
C HIS A 114 10.81 12.62 -6.03
N GLN A 115 10.26 12.12 -4.90
CA GLN A 115 9.54 12.91 -3.90
C GLN A 115 9.87 12.48 -2.49
N TYR A 116 9.98 13.47 -1.59
CA TYR A 116 10.25 13.22 -0.17
C TYR A 116 9.09 13.70 0.70
N ALA A 117 8.87 12.99 1.79
CA ALA A 117 8.03 13.46 2.88
C ALA A 117 8.78 13.29 4.20
N TYR A 118 8.59 14.26 5.09
CA TYR A 118 9.15 14.27 6.44
C TYR A 118 8.01 14.30 7.44
N ASP A 119 8.08 13.38 8.42
CA ASP A 119 7.04 13.17 9.43
C ASP A 119 5.63 13.13 8.83
N GLY A 120 5.50 12.44 7.70
CA GLY A 120 4.20 12.13 7.13
C GLY A 120 3.66 13.12 6.12
N LYS A 121 4.36 14.22 5.88
CA LYS A 121 3.83 15.30 5.06
C LYS A 121 4.82 15.67 3.98
N ASP A 122 4.27 16.14 2.84
CA ASP A 122 5.09 16.64 1.74
C ASP A 122 6.28 17.44 2.25
N TYR A 123 7.46 17.13 1.69
CA TYR A 123 8.67 17.93 1.87
C TYR A 123 9.11 18.52 0.54
N ILE A 124 9.65 17.73 -0.38
CA ILE A 124 10.03 18.23 -1.69
C ILE A 124 9.72 17.16 -2.73
N ALA A 125 9.27 17.60 -3.92
CA ALA A 125 8.82 16.72 -4.98
C ALA A 125 9.28 17.25 -6.33
N LEU A 126 9.80 16.37 -7.18
CA LEU A 126 10.18 16.79 -8.53
C LEU A 126 8.91 17.02 -9.36
N LYS A 127 8.86 18.14 -10.05
CA LYS A 127 7.66 18.42 -10.81
C LYS A 127 7.68 17.64 -12.12
N GLU A 128 6.49 17.57 -12.73
CA GLU A 128 6.33 16.77 -13.93
C GLU A 128 7.25 17.21 -15.07
N ASP A 129 7.71 18.46 -15.07
CA ASP A 129 8.63 18.89 -16.12
C ASP A 129 10.05 18.37 -15.90
N LEU A 130 10.31 17.66 -14.80
CA LEU A 130 11.61 17.08 -14.51
C LEU A 130 12.71 18.14 -14.51
N ARG A 131 12.31 19.39 -14.31
CA ARG A 131 13.21 20.52 -14.25
C ARG A 131 13.14 21.28 -12.94
N SER A 132 12.04 21.18 -12.19
CA SER A 132 11.75 22.10 -11.11
C SER A 132 11.19 21.34 -9.94
N TRP A 133 11.17 22.00 -8.79
CA TRP A 133 10.80 21.38 -7.52
C TRP A 133 9.61 22.11 -6.92
N THR A 134 8.71 21.35 -6.31
CA THR A 134 7.70 21.91 -5.41
C THR A 134 8.09 21.60 -3.97
N ALA A 135 8.38 22.66 -3.20
CA ALA A 135 8.75 22.55 -1.79
C ALA A 135 7.58 22.96 -0.92
N ALA A 136 7.37 22.21 0.17
CA ALA A 136 6.15 22.36 0.97
C ALA A 136 6.22 23.46 2.01
N ASP A 137 7.41 23.79 2.50
CA ASP A 137 7.55 24.77 3.59
C ASP A 137 8.92 25.44 3.47
N MET A 138 9.25 26.26 4.47
CA MET A 138 10.50 27.01 4.42
C MET A 138 11.72 26.12 4.59
N ALA A 139 11.57 25.01 5.34
CA ALA A 139 12.65 24.05 5.44
C ALA A 139 13.01 23.48 4.07
N ALA A 140 12.00 23.00 3.35
CA ALA A 140 12.24 22.43 2.03
C ALA A 140 12.69 23.48 1.01
N GLN A 141 12.36 24.76 1.21
CA GLN A 141 12.89 25.78 0.31
C GLN A 141 14.40 25.91 0.41
N ILE A 142 14.97 25.67 1.59
CA ILE A 142 16.43 25.55 1.69
C ILE A 142 16.94 24.53 0.69
N THR A 143 16.36 23.32 0.74
CA THR A 143 16.80 22.23 -0.12
C THR A 143 16.52 22.54 -1.58
N LYS A 144 15.37 23.16 -1.85
CA LYS A 144 15.01 23.47 -3.23
C LYS A 144 16.07 24.33 -3.90
N ARG A 145 16.55 25.39 -3.23
CA ARG A 145 17.56 26.19 -3.94
C ARG A 145 18.91 25.51 -3.97
N LYS A 146 19.25 24.69 -2.97
CA LYS A 146 20.45 23.87 -3.07
C LYS A 146 20.38 22.97 -4.30
N TRP A 147 19.25 22.29 -4.48
CA TRP A 147 19.14 21.35 -5.59
C TRP A 147 19.01 22.06 -6.93
N GLU A 148 18.41 23.26 -6.97
CA GLU A 148 18.40 24.05 -8.20
C GLU A 148 19.83 24.46 -8.60
N ALA A 149 20.59 24.98 -7.65
CA ALA A 149 21.97 25.38 -7.95
C ALA A 149 22.81 24.20 -8.42
N ALA A 150 22.62 23.02 -7.82
CA ALA A 150 23.42 21.86 -8.19
C ALA A 150 22.84 21.08 -9.35
N HIS A 151 21.68 21.50 -9.86
CA HIS A 151 21.02 20.84 -10.99
C HIS A 151 20.77 19.36 -10.71
N VAL A 152 20.22 19.10 -9.52
CA VAL A 152 19.91 17.72 -9.16
C VAL A 152 18.81 17.14 -10.06
N ALA A 153 17.83 17.95 -10.48
CA ALA A 153 16.78 17.40 -11.34
C ALA A 153 17.36 16.86 -12.65
N GLU A 154 18.13 17.68 -13.37
CA GLU A 154 18.74 17.22 -14.62
C GLU A 154 19.50 15.91 -14.44
N GLN A 155 20.24 15.80 -13.34
CA GLN A 155 21.04 14.61 -13.12
C GLN A 155 20.21 13.36 -12.82
N GLN A 156 18.90 13.52 -12.58
CA GLN A 156 18.01 12.39 -12.41
C GLN A 156 17.34 11.94 -13.71
N ARG A 157 17.42 12.74 -14.79
CA ARG A 157 16.62 12.45 -15.97
C ARG A 157 17.01 11.13 -16.62
N ALA A 158 18.32 10.84 -16.66
CA ALA A 158 18.74 9.60 -17.30
C ALA A 158 18.09 8.40 -16.65
N TYR A 159 18.04 8.38 -15.31
CA TYR A 159 17.38 7.26 -14.63
C TYR A 159 15.91 7.22 -14.97
N LEU A 160 15.20 8.33 -14.75
CA LEU A 160 13.74 8.32 -14.86
C LEU A 160 13.29 8.00 -16.27
N GLU A 161 13.95 8.55 -17.27
CA GLU A 161 13.54 8.38 -18.65
C GLU A 161 14.22 7.21 -19.32
N GLY A 162 15.29 6.67 -18.72
CA GLY A 162 16.06 5.58 -19.30
C GLY A 162 16.02 4.31 -18.50
N THR A 163 16.78 4.24 -17.40
CA THR A 163 16.85 2.99 -16.63
C THR A 163 15.48 2.53 -16.14
N CYS A 164 14.70 3.47 -15.61
CA CYS A 164 13.42 3.12 -15.03
C CYS A 164 12.49 2.50 -16.06
N VAL A 165 12.31 3.17 -17.21
CA VAL A 165 11.36 2.65 -18.18
C VAL A 165 11.91 1.38 -18.83
N ASP A 166 13.24 1.27 -18.98
CA ASP A 166 13.86 0.05 -19.50
C ASP A 166 13.65 -1.12 -18.53
N GLY A 167 13.91 -0.87 -17.24
CA GLY A 167 13.65 -1.90 -16.24
C GLY A 167 12.20 -2.33 -16.23
N LEU A 168 11.29 -1.35 -16.16
CA LEU A 168 9.85 -1.63 -16.17
C LEU A 168 9.45 -2.46 -17.39
N ARG A 169 9.93 -2.07 -18.59
CA ARG A 169 9.69 -2.86 -19.79
C ARG A 169 10.17 -4.30 -19.62
N ARG A 170 11.40 -4.48 -19.12
CA ARG A 170 11.92 -5.83 -18.93
C ARG A 170 11.04 -6.62 -17.98
N TYR A 171 10.68 -6.00 -16.84
CA TYR A 171 9.87 -6.73 -15.87
C TYR A 171 8.52 -7.14 -16.48
N LEU A 172 7.88 -6.24 -17.23
CA LEU A 172 6.58 -6.58 -17.80
C LEU A 172 6.70 -7.73 -18.81
N GLU A 173 7.83 -7.83 -19.51
CA GLU A 173 8.05 -8.97 -20.38
C GLU A 173 8.36 -10.24 -19.57
N ASN A 174 9.25 -10.14 -18.58
CA ASN A 174 9.59 -11.32 -17.79
C ASN A 174 8.40 -11.84 -17.01
N GLY A 175 7.54 -10.96 -16.52
CA GLY A 175 6.40 -11.41 -15.77
C GLY A 175 5.08 -11.27 -16.49
N LYS A 176 5.02 -11.43 -17.83
CA LYS A 176 3.78 -11.20 -18.55
C LYS A 176 2.62 -11.93 -17.91
N GLU A 177 2.86 -13.20 -17.52
CA GLU A 177 1.77 -14.05 -17.06
C GLU A 177 1.12 -13.47 -15.81
N THR A 178 1.93 -12.87 -14.93
CA THR A 178 1.46 -12.27 -13.69
C THR A 178 1.03 -10.82 -13.89
N LEU A 179 1.90 -10.01 -14.52
CA LEU A 179 1.72 -8.56 -14.55
C LEU A 179 0.76 -8.10 -15.64
N GLN A 180 0.72 -8.79 -16.78
CA GLN A 180 -0.08 -8.33 -17.90
C GLN A 180 -1.45 -8.98 -17.96
N ARG A 181 -1.85 -9.71 -16.91
CA ARG A 181 -3.17 -10.29 -16.88
C ARG A 181 -4.10 -9.34 -16.13
N THR A 182 -5.39 -9.45 -16.42
CA THR A 182 -6.46 -8.84 -15.64
C THR A 182 -7.32 -9.95 -15.06
N ASP A 183 -7.57 -9.89 -13.76
CA ASP A 183 -8.47 -10.83 -13.12
C ASP A 183 -9.75 -10.09 -12.82
N PRO A 184 -10.87 -10.45 -13.46
CA PRO A 184 -12.10 -9.70 -13.21
C PRO A 184 -12.67 -10.01 -11.85
N PRO A 185 -13.39 -9.08 -11.24
CA PRO A 185 -13.95 -9.36 -9.91
C PRO A 185 -15.03 -10.41 -9.97
N LYS A 186 -14.99 -11.32 -8.99
CA LYS A 186 -16.10 -12.21 -8.68
C LYS A 186 -17.02 -11.48 -7.71
N THR A 187 -18.28 -11.31 -8.08
CA THR A 187 -19.21 -10.46 -7.35
C THR A 187 -20.36 -11.25 -6.79
N HIS A 188 -20.85 -10.79 -5.64
CA HIS A 188 -22.07 -11.31 -5.04
C HIS A 188 -22.62 -10.25 -4.10
N MET A 189 -23.84 -10.46 -3.66
CA MET A 189 -24.50 -9.55 -2.73
C MET A 189 -24.97 -10.31 -1.51
N THR A 190 -24.89 -9.67 -0.35
CA THR A 190 -25.43 -10.20 0.89
C THR A 190 -26.52 -9.27 1.41
N HIS A 191 -27.38 -9.82 2.27
CA HIS A 191 -28.61 -9.17 2.72
C HIS A 191 -28.80 -9.49 4.18
N HIS A 192 -28.85 -8.48 5.04
CA HIS A 192 -29.09 -8.70 6.47
C HIS A 192 -30.12 -7.72 7.00
N PRO A 193 -31.26 -8.20 7.48
CA PRO A 193 -32.16 -7.33 8.25
C PRO A 193 -31.47 -6.79 9.50
N ILE A 194 -31.66 -5.51 9.79
CA ILE A 194 -31.11 -4.90 11.00
C ILE A 194 -32.19 -4.44 11.95
N SER A 195 -33.44 -4.41 11.51
CA SER A 195 -34.62 -4.34 12.37
C SER A 195 -35.80 -4.73 11.49
N ASP A 196 -37.01 -4.54 12.01
CA ASP A 196 -38.17 -4.80 11.18
C ASP A 196 -38.43 -3.69 10.16
N HIS A 197 -37.72 -2.56 10.25
CA HIS A 197 -37.89 -1.46 9.31
C HIS A 197 -36.82 -1.40 8.24
N GLU A 198 -35.61 -1.90 8.51
CA GLU A 198 -34.49 -1.67 7.62
C GLU A 198 -33.67 -2.94 7.42
N ALA A 199 -32.86 -2.92 6.36
CA ALA A 199 -31.95 -4.01 6.05
C ALA A 199 -30.67 -3.45 5.46
N THR A 200 -29.57 -4.18 5.64
CA THR A 200 -28.30 -3.86 4.99
C THR A 200 -28.18 -4.70 3.73
N LEU A 201 -27.81 -4.05 2.63
CA LEU A 201 -27.42 -4.75 1.41
C LEU A 201 -25.94 -4.47 1.19
N ARG A 202 -25.16 -5.51 0.89
CA ARG A 202 -23.71 -5.38 0.75
C ARG A 202 -23.30 -6.00 -0.58
N CYS A 203 -22.63 -5.21 -1.39
CA CYS A 203 -22.16 -5.61 -2.71
C CYS A 203 -20.68 -5.95 -2.62
N TRP A 204 -20.28 -7.17 -3.03
CA TRP A 204 -18.91 -7.64 -2.89
C TRP A 204 -18.18 -7.75 -4.22
N ALA A 205 -16.88 -7.39 -4.25
CA ALA A 205 -16.02 -7.73 -5.35
C ALA A 205 -14.81 -8.49 -4.82
N LEU A 206 -14.53 -9.67 -5.37
CA LEU A 206 -13.43 -10.50 -4.88
C LEU A 206 -12.54 -10.99 -6.01
N GLY A 207 -11.27 -11.21 -5.69
CA GLY A 207 -10.31 -11.82 -6.60
C GLY A 207 -9.98 -11.00 -7.82
N PHE A 208 -9.96 -9.69 -7.70
CA PHE A 208 -9.69 -8.87 -8.87
C PHE A 208 -8.26 -8.33 -8.83
N TYR A 209 -7.74 -8.04 -10.02
CA TYR A 209 -6.42 -7.48 -10.23
C TYR A 209 -6.52 -6.77 -11.58
N PRO A 210 -6.02 -5.55 -11.71
CA PRO A 210 -5.37 -4.71 -10.69
C PRO A 210 -6.34 -4.18 -9.64
N ALA A 211 -5.84 -3.40 -8.68
CA ALA A 211 -6.68 -3.01 -7.55
C ALA A 211 -7.73 -1.96 -7.91
N GLU A 212 -7.47 -1.14 -8.91
CA GLU A 212 -8.41 -0.12 -9.37
C GLU A 212 -9.79 -0.72 -9.62
N ILE A 213 -10.82 -0.14 -9.02
CA ILE A 213 -12.19 -0.63 -9.19
C ILE A 213 -13.16 0.45 -8.71
N THR A 214 -14.41 0.41 -9.21
CA THR A 214 -15.45 1.31 -8.74
C THR A 214 -16.70 0.52 -8.40
N LEU A 215 -17.16 0.65 -7.15
CA LEU A 215 -18.45 0.15 -6.70
C LEU A 215 -19.32 1.37 -6.37
N THR A 216 -20.52 1.40 -6.91
CA THR A 216 -21.47 2.48 -6.65
C THR A 216 -22.87 1.89 -6.53
N TRP A 217 -23.65 2.45 -5.62
CA TRP A 217 -25.05 2.10 -5.41
C TRP A 217 -25.96 3.13 -6.08
N GLN A 218 -27.04 2.65 -6.71
CA GLN A 218 -28.07 3.48 -7.29
C GLN A 218 -29.40 3.11 -6.65
N ARG A 219 -30.28 4.09 -6.50
CA ARG A 219 -31.67 3.86 -6.10
C ARG A 219 -32.55 4.42 -7.19
N ASP A 220 -33.43 3.58 -7.75
CA ASP A 220 -34.25 3.97 -8.90
C ASP A 220 -33.39 4.65 -9.96
N GLY A 221 -32.20 4.09 -10.20
CA GLY A 221 -31.31 4.56 -11.24
C GLY A 221 -30.60 5.87 -10.99
N GLU A 222 -30.56 6.35 -9.75
CA GLU A 222 -29.82 7.56 -9.44
C GLU A 222 -28.80 7.28 -8.36
N ASP A 223 -27.61 7.85 -8.52
CA ASP A 223 -26.50 7.56 -7.62
C ASP A 223 -26.92 7.85 -6.19
N GLN A 224 -26.44 7.04 -5.26
CA GLN A 224 -26.86 7.13 -3.87
C GLN A 224 -25.64 7.14 -2.97
N THR A 225 -25.46 8.22 -2.24
CA THR A 225 -24.40 8.35 -1.26
C THR A 225 -24.90 8.33 0.18
N GLN A 226 -26.13 8.81 0.43
CA GLN A 226 -26.70 8.76 1.76
C GLN A 226 -26.84 7.31 2.23
N ASP A 227 -26.40 7.05 3.47
CA ASP A 227 -26.51 5.74 4.11
C ASP A 227 -25.74 4.64 3.36
N THR A 228 -24.69 5.01 2.62
CA THR A 228 -23.79 4.05 1.98
C THR A 228 -22.46 4.01 2.71
N GLU A 229 -21.77 2.87 2.61
CA GLU A 229 -20.48 2.68 3.26
C GLU A 229 -19.57 1.92 2.30
N LEU A 230 -18.39 2.47 2.03
CA LEU A 230 -17.43 1.95 1.08
C LEU A 230 -16.10 1.73 1.80
N VAL A 231 -15.63 0.47 1.86
CA VAL A 231 -14.38 0.23 2.59
C VAL A 231 -13.22 0.35 1.63
N GLU A 232 -12.03 0.57 2.17
CA GLU A 232 -10.85 0.67 1.33
C GLU A 232 -10.56 -0.68 0.66
N THR A 233 -10.08 -0.61 -0.57
CA THR A 233 -9.63 -1.80 -1.28
C THR A 233 -8.50 -2.46 -0.50
N ARG A 234 -8.60 -3.77 -0.31
CA ARG A 234 -7.72 -4.50 0.58
C ARG A 234 -7.16 -5.72 -0.13
N PRO A 235 -5.97 -6.17 0.26
CA PRO A 235 -5.36 -7.33 -0.38
C PRO A 235 -5.89 -8.65 0.18
N ALA A 236 -6.16 -9.58 -0.73
CA ALA A 236 -6.52 -10.93 -0.31
C ALA A 236 -5.33 -11.65 0.28
N GLY A 237 -4.09 -11.30 -0.13
CA GLY A 237 -2.89 -12.04 0.24
C GLY A 237 -2.35 -12.96 -0.84
N ASP A 238 -3.12 -13.24 -1.88
CA ASP A 238 -2.70 -14.12 -2.97
C ASP A 238 -2.37 -13.34 -4.24
N GLY A 239 -2.18 -12.03 -4.12
CA GLY A 239 -1.95 -11.20 -5.28
C GLY A 239 -3.18 -10.48 -5.81
N THR A 240 -4.39 -10.81 -5.34
CA THR A 240 -5.61 -10.15 -5.78
C THR A 240 -6.19 -9.28 -4.65
N PHE A 241 -7.29 -8.58 -4.95
CA PHE A 241 -7.85 -7.59 -4.06
C PHE A 241 -9.34 -7.81 -3.85
N GLN A 242 -9.87 -7.09 -2.85
CA GLN A 242 -11.25 -7.21 -2.41
C GLN A 242 -11.77 -5.83 -2.04
N LYS A 243 -13.07 -5.63 -2.22
CA LYS A 243 -13.73 -4.41 -1.79
C LYS A 243 -15.21 -4.71 -1.63
N TRP A 244 -15.87 -3.93 -0.78
CA TRP A 244 -17.33 -3.99 -0.76
C TRP A 244 -17.92 -2.61 -0.52
N ALA A 245 -19.23 -2.53 -0.79
CA ALA A 245 -20.03 -1.33 -0.66
C ALA A 245 -21.38 -1.76 -0.14
N ALA A 246 -21.87 -1.07 0.86
CA ALA A 246 -23.09 -1.46 1.57
C ALA A 246 -24.03 -0.27 1.63
N VAL A 247 -25.31 -0.55 1.75
CA VAL A 247 -26.33 0.49 1.88
C VAL A 247 -27.44 -0.04 2.79
N VAL A 248 -27.96 0.83 3.65
CA VAL A 248 -29.10 0.48 4.49
C VAL A 248 -30.36 0.93 3.75
N VAL A 249 -31.32 0.01 3.61
CA VAL A 249 -32.50 0.28 2.79
C VAL A 249 -33.73 -0.02 3.63
N PRO A 250 -34.85 0.59 3.27
CA PRO A 250 -36.13 0.23 3.91
C PRO A 250 -36.52 -1.20 3.57
N SER A 251 -36.96 -1.92 4.59
CA SER A 251 -37.36 -3.31 4.41
C SER A 251 -38.45 -3.40 3.36
N GLY A 252 -38.22 -4.22 2.34
CA GLY A 252 -39.18 -4.39 1.26
C GLY A 252 -38.88 -3.58 0.01
N GLU A 253 -37.95 -2.64 0.07
CA GLU A 253 -37.59 -1.83 -1.09
C GLU A 253 -36.25 -2.24 -1.68
N GLU A 254 -35.76 -3.45 -1.35
CA GLU A 254 -34.44 -3.88 -1.81
C GLU A 254 -34.33 -3.83 -3.32
N GLN A 255 -35.41 -4.12 -4.04
CA GLN A 255 -35.32 -4.29 -5.48
C GLN A 255 -35.11 -2.98 -6.24
N ARG A 256 -35.28 -1.80 -5.61
CA ARG A 256 -34.98 -0.57 -6.31
C ARG A 256 -33.53 -0.13 -6.20
N TYR A 257 -32.68 -0.88 -5.49
CA TYR A 257 -31.27 -0.54 -5.35
C TYR A 257 -30.44 -1.43 -6.28
N THR A 258 -29.49 -0.83 -6.99
CA THR A 258 -28.59 -1.61 -7.82
C THR A 258 -27.14 -1.23 -7.53
N CYS A 259 -26.27 -2.22 -7.48
CA CYS A 259 -24.85 -2.01 -7.30
C CYS A 259 -24.17 -2.16 -8.66
N HIS A 260 -23.30 -1.22 -8.99
CA HIS A 260 -22.65 -1.19 -10.29
C HIS A 260 -21.16 -1.32 -10.08
N VAL A 261 -20.55 -2.27 -10.80
CA VAL A 261 -19.16 -2.66 -10.61
C VAL A 261 -18.42 -2.42 -11.92
N GLN A 262 -17.40 -1.56 -11.88
CA GLN A 262 -16.57 -1.29 -13.04
C GLN A 262 -15.12 -1.68 -12.74
N HIS A 263 -14.52 -2.45 -13.65
CA HIS A 263 -13.15 -2.93 -13.50
C HIS A 263 -12.56 -3.19 -14.88
N GLU A 264 -11.25 -2.99 -14.99
CA GLU A 264 -10.54 -3.25 -16.24
C GLU A 264 -10.90 -4.59 -16.85
N GLY A 265 -10.97 -5.63 -16.02
CA GLY A 265 -11.18 -6.98 -16.52
C GLY A 265 -12.59 -7.28 -16.99
N LEU A 266 -13.53 -6.34 -16.80
CA LEU A 266 -14.90 -6.58 -17.20
C LEU A 266 -15.16 -5.90 -18.53
N PRO A 267 -15.53 -6.65 -19.57
CA PRO A 267 -15.84 -6.01 -20.86
C PRO A 267 -17.10 -5.18 -20.82
N LYS A 268 -17.91 -5.29 -19.75
CA LYS A 268 -19.19 -4.61 -19.55
C LYS A 268 -19.27 -4.38 -18.05
N PRO A 269 -19.58 -3.18 -17.59
CA PRO A 269 -19.84 -2.98 -16.16
C PRO A 269 -20.95 -3.92 -15.68
N LEU A 270 -20.77 -4.45 -14.47
CA LEU A 270 -21.70 -5.41 -13.90
C LEU A 270 -22.79 -4.65 -13.15
N THR A 271 -24.00 -5.22 -13.15
CA THR A 271 -25.13 -4.66 -12.39
C THR A 271 -25.70 -5.76 -11.51
N LEU A 272 -25.72 -5.52 -10.20
CA LEU A 272 -26.27 -6.49 -9.26
C LEU A 272 -27.51 -5.92 -8.60
N ARG A 273 -28.48 -6.80 -8.33
CA ARG A 273 -29.76 -6.42 -7.73
C ARG A 273 -30.27 -7.61 -6.91
N TRP A 274 -30.62 -7.35 -5.65
CA TRP A 274 -31.14 -8.42 -4.78
C TRP A 274 -32.50 -8.95 -5.26
N ILE B 1 2.50 14.99 12.17
CA ILE B 1 1.09 14.57 12.20
C ILE B 1 0.99 13.10 12.58
N GLN B 2 -0.17 12.73 13.15
CA GLN B 2 -0.52 11.36 13.46
C GLN B 2 -1.90 11.05 12.87
N ARG B 3 -2.01 9.87 12.24
CA ARG B 3 -3.26 9.37 11.67
C ARG B 3 -3.54 7.98 12.22
N THR B 4 -4.83 7.75 12.69
CA THR B 4 -5.18 6.45 13.26
C THR B 4 -5.34 5.43 12.14
N PRO B 5 -4.99 4.18 12.42
CA PRO B 5 -5.15 3.14 11.40
C PRO B 5 -6.62 2.82 11.18
N LYS B 6 -6.99 2.62 9.93
CA LYS B 6 -8.20 1.89 9.61
C LYS B 6 -7.88 0.41 9.63
N ILE B 7 -8.82 -0.39 10.13
CA ILE B 7 -8.56 -1.78 10.49
C ILE B 7 -9.63 -2.65 9.85
N GLN B 8 -9.21 -3.66 9.13
CA GLN B 8 -10.12 -4.59 8.46
C GLN B 8 -9.66 -6.00 8.79
N VAL B 9 -10.58 -6.84 9.26
CA VAL B 9 -10.27 -8.23 9.58
C VAL B 9 -11.16 -9.11 8.74
N TYR B 10 -10.56 -10.01 7.98
CA TYR B 10 -11.33 -10.75 6.99
C TYR B 10 -10.58 -12.01 6.61
N SER B 11 -11.27 -12.92 5.94
CA SER B 11 -10.65 -14.13 5.45
C SER B 11 -10.33 -13.97 3.97
N ARG B 12 -9.36 -14.74 3.50
CA ARG B 12 -8.96 -14.58 2.12
C ARG B 12 -10.07 -15.07 1.19
N HIS B 13 -10.69 -16.19 1.54
CA HIS B 13 -11.87 -16.72 0.86
C HIS B 13 -13.08 -16.65 1.79
N PRO B 14 -14.30 -16.64 1.25
CA PRO B 14 -15.49 -16.69 2.11
C PRO B 14 -15.45 -17.92 3.02
N ALA B 15 -15.74 -17.71 4.30
CA ALA B 15 -15.44 -18.71 5.31
C ALA B 15 -16.34 -19.93 5.19
N GLU B 16 -15.73 -21.10 5.34
CA GLU B 16 -16.47 -22.36 5.39
C GLU B 16 -15.83 -23.22 6.46
N ASN B 17 -16.58 -23.51 7.53
CA ASN B 17 -16.08 -24.30 8.64
C ASN B 17 -15.48 -25.61 8.14
N GLY B 18 -14.28 -25.91 8.65
CA GLY B 18 -13.59 -27.13 8.28
C GLY B 18 -12.73 -27.03 7.04
N LYS B 19 -12.73 -25.91 6.34
CA LYS B 19 -11.92 -25.74 5.15
C LYS B 19 -10.83 -24.71 5.40
N SER B 20 -9.60 -25.09 5.12
CA SER B 20 -8.46 -24.21 5.35
C SER B 20 -8.60 -22.89 4.58
N ASN B 21 -8.02 -21.84 5.15
CA ASN B 21 -8.26 -20.47 4.73
C ASN B 21 -7.09 -19.63 5.27
N PHE B 22 -7.16 -18.33 5.06
CA PHE B 22 -6.23 -17.39 5.67
C PHE B 22 -7.03 -16.31 6.38
N LEU B 23 -6.54 -15.91 7.56
CA LEU B 23 -7.12 -14.83 8.35
C LEU B 23 -6.22 -13.61 8.21
N ASN B 24 -6.81 -12.51 7.73
CA ASN B 24 -6.08 -11.28 7.45
C ASN B 24 -6.49 -10.16 8.40
N CYS B 25 -5.50 -9.35 8.76
CA CYS B 25 -5.73 -8.09 9.44
C CYS B 25 -4.97 -7.04 8.65
N TYR B 26 -5.72 -6.14 8.04
CA TYR B 26 -5.16 -5.13 7.17
C TYR B 26 -5.26 -3.79 7.87
N VAL B 27 -4.12 -3.15 8.11
CA VAL B 27 -4.06 -1.84 8.73
C VAL B 27 -3.57 -0.87 7.68
N SER B 28 -4.31 0.22 7.49
CA SER B 28 -3.91 1.21 6.48
C SER B 28 -4.18 2.61 7.00
N GLY B 29 -3.55 3.57 6.33
CA GLY B 29 -3.87 4.97 6.59
C GLY B 29 -3.33 5.52 7.88
N PHE B 30 -2.30 4.90 8.47
CA PHE B 30 -1.76 5.35 9.74
C PHE B 30 -0.40 6.03 9.60
N HIS B 31 -0.03 6.77 10.65
CA HIS B 31 1.26 7.42 10.80
C HIS B 31 1.37 7.76 12.27
N PRO B 32 2.54 7.55 12.90
CA PRO B 32 3.77 7.01 12.32
C PRO B 32 3.74 5.50 12.09
N SER B 33 4.84 4.92 11.61
CA SER B 33 4.81 3.53 11.16
C SER B 33 4.95 2.52 12.30
N ASP B 34 5.52 2.92 13.44
CA ASP B 34 5.52 2.07 14.63
C ASP B 34 4.12 1.58 14.99
N ILE B 35 3.87 0.28 14.86
CA ILE B 35 2.56 -0.29 15.17
C ILE B 35 2.77 -1.74 15.61
N GLU B 36 1.86 -2.23 16.45
CA GLU B 36 1.84 -3.62 16.87
C GLU B 36 0.51 -4.21 16.44
N VAL B 37 0.54 -5.32 15.71
CA VAL B 37 -0.68 -5.97 15.26
C VAL B 37 -0.62 -7.44 15.66
N ASP B 38 -1.65 -7.90 16.35
CA ASP B 38 -1.72 -9.28 16.81
C ASP B 38 -3.07 -9.87 16.44
N LEU B 39 -3.05 -11.13 16.03
CA LEU B 39 -4.26 -11.90 15.83
C LEU B 39 -4.56 -12.70 17.09
N LEU B 40 -5.84 -12.78 17.45
CA LEU B 40 -6.31 -13.46 18.65
C LEU B 40 -7.25 -14.58 18.26
N LYS B 41 -7.04 -15.78 18.85
CA LYS B 41 -7.96 -16.91 18.80
C LYS B 41 -8.58 -17.09 20.17
N ASN B 42 -9.90 -16.83 20.27
CA ASN B 42 -10.61 -16.90 21.54
C ASN B 42 -9.93 -16.04 22.61
N GLY B 43 -9.34 -14.92 22.21
CA GLY B 43 -8.64 -14.03 23.11
C GLY B 43 -7.18 -14.32 23.35
N GLU B 44 -6.63 -15.38 22.76
CA GLU B 44 -5.23 -15.75 22.93
C GLU B 44 -4.44 -15.39 21.68
N ARG B 45 -3.24 -14.86 21.86
CA ARG B 45 -2.42 -14.41 20.75
C ARG B 45 -1.89 -15.58 19.93
N ILE B 46 -2.13 -15.57 18.61
CA ILE B 46 -1.58 -16.58 17.70
C ILE B 46 -0.11 -16.28 17.46
N GLU B 47 0.73 -17.32 17.52
CA GLU B 47 2.18 -17.17 17.54
C GLU B 47 2.82 -17.04 16.17
N LYS B 48 2.40 -17.79 15.16
CA LYS B 48 3.04 -17.65 13.85
C LYS B 48 2.13 -16.79 12.97
N VAL B 49 2.38 -15.48 13.00
CA VAL B 49 1.66 -14.51 12.19
C VAL B 49 2.69 -13.78 11.35
N GLU B 50 2.51 -13.84 10.04
CA GLU B 50 3.39 -13.16 9.12
C GLU B 50 2.82 -11.78 8.78
N HIS B 51 3.69 -10.91 8.26
CA HIS B 51 3.24 -9.62 7.77
C HIS B 51 3.98 -9.25 6.49
N SER B 52 3.32 -8.39 5.74
CA SER B 52 3.87 -7.80 4.52
C SER B 52 4.94 -6.77 4.87
N ASP B 53 5.72 -6.42 3.85
CA ASP B 53 6.79 -5.45 4.04
C ASP B 53 6.18 -4.07 4.07
N LEU B 54 6.68 -3.22 4.96
CA LEU B 54 6.08 -1.91 5.18
C LEU B 54 6.07 -1.09 3.91
N SER B 55 4.93 -0.47 3.62
CA SER B 55 4.76 0.28 2.38
C SER B 55 3.82 1.44 2.68
N PHE B 56 3.55 2.29 1.69
CA PHE B 56 2.64 3.43 1.96
C PHE B 56 1.95 3.91 0.70
N SER B 57 0.90 4.74 0.89
CA SER B 57 0.00 5.18 -0.17
C SER B 57 0.41 6.56 -0.63
N LYS B 58 -0.37 7.13 -1.54
CA LYS B 58 0.04 8.38 -2.17
C LYS B 58 0.09 9.51 -1.15
N ASP B 59 -0.78 9.43 -0.15
CA ASP B 59 -0.81 10.46 0.89
C ASP B 59 0.27 10.27 1.94
N TRP B 60 1.15 9.29 1.72
CA TRP B 60 2.28 8.92 2.55
C TRP B 60 1.90 8.08 3.77
N SER B 61 0.62 7.72 3.97
CA SER B 61 0.25 6.94 5.14
C SER B 61 0.56 5.47 4.90
N PHE B 62 0.89 4.76 5.97
CA PHE B 62 1.39 3.39 5.86
C PHE B 62 0.25 2.36 5.79
N TYR B 63 0.56 1.20 5.21
CA TYR B 63 -0.32 0.05 5.30
C TYR B 63 0.49 -1.22 5.49
N LEU B 64 -0.11 -2.16 6.21
CA LEU B 64 0.46 -3.47 6.46
C LEU B 64 -0.64 -4.50 6.45
N LEU B 65 -0.27 -5.69 6.00
CA LEU B 65 -1.14 -6.85 6.04
C LEU B 65 -0.50 -7.87 6.94
N TYR B 66 -1.20 -8.24 8.01
CA TYR B 66 -0.86 -9.39 8.86
C TYR B 66 -1.77 -10.56 8.50
N TYR B 67 -1.22 -11.78 8.46
CA TYR B 67 -2.04 -12.89 8.02
C TYR B 67 -1.56 -14.19 8.66
N THR B 68 -2.46 -15.17 8.69
CA THR B 68 -2.11 -16.50 9.18
C THR B 68 -3.04 -17.51 8.51
N GLU B 69 -2.50 -18.69 8.24
CA GLU B 69 -3.34 -19.80 7.82
C GLU B 69 -4.21 -20.26 8.98
N PHE B 70 -5.46 -20.58 8.68
CA PHE B 70 -6.32 -21.10 9.72
C PHE B 70 -7.44 -21.90 9.06
N THR B 71 -8.15 -22.65 9.90
CA THR B 71 -9.34 -23.40 9.50
C THR B 71 -10.46 -22.96 10.42
N PRO B 72 -11.41 -22.16 9.93
CA PRO B 72 -12.52 -21.73 10.79
C PRO B 72 -13.36 -22.91 11.26
N THR B 73 -13.88 -22.77 12.48
CA THR B 73 -14.82 -23.69 13.09
C THR B 73 -16.01 -22.92 13.63
N GLU B 74 -17.07 -23.66 13.95
CA GLU B 74 -18.31 -23.03 14.41
C GLU B 74 -18.12 -22.27 15.72
N LYS B 75 -17.18 -22.69 16.56
CA LYS B 75 -17.10 -22.16 17.92
C LYS B 75 -15.86 -21.32 18.21
N ASP B 76 -15.02 -21.05 17.22
CA ASP B 76 -13.81 -20.27 17.43
C ASP B 76 -14.06 -18.82 17.01
N GLU B 77 -13.70 -17.88 17.88
CA GLU B 77 -13.78 -16.46 17.57
C GLU B 77 -12.38 -15.90 17.34
N TYR B 78 -12.25 -15.09 16.30
CA TYR B 78 -10.97 -14.51 15.93
C TYR B 78 -11.09 -13.00 15.98
N ALA B 79 -9.95 -12.34 16.24
CA ALA B 79 -9.93 -10.89 16.27
C ALA B 79 -8.51 -10.42 15.98
N CYS B 80 -8.41 -9.12 15.73
CA CYS B 80 -7.15 -8.44 15.49
C CYS B 80 -7.05 -7.34 16.54
N ARG B 81 -5.91 -7.29 17.23
CA ARG B 81 -5.65 -6.30 18.26
C ARG B 81 -4.58 -5.36 17.74
N VAL B 82 -4.93 -4.09 17.55
CA VAL B 82 -4.04 -3.12 16.94
C VAL B 82 -3.61 -2.11 18.00
N ASN B 83 -2.30 -1.92 18.11
CA ASN B 83 -1.68 -1.10 19.14
C ASN B 83 -0.87 -0.01 18.44
N HIS B 84 -1.25 1.24 18.67
CA HIS B 84 -0.73 2.40 17.96
C HIS B 84 -0.84 3.62 18.86
N VAL B 85 0.10 4.56 18.68
CA VAL B 85 0.19 5.73 19.55
C VAL B 85 -1.09 6.58 19.52
N THR B 86 -1.87 6.49 18.45
CA THR B 86 -3.11 7.26 18.38
C THR B 86 -4.28 6.58 19.07
N LEU B 87 -4.10 5.37 19.59
CA LEU B 87 -5.19 4.66 20.25
C LEU B 87 -4.86 4.61 21.73
N SER B 88 -5.69 5.25 22.55
CA SER B 88 -5.40 5.29 23.98
C SER B 88 -5.46 3.89 24.61
N GLN B 89 -6.22 3.00 24.01
CA GLN B 89 -6.23 1.59 24.33
C GLN B 89 -6.19 0.82 23.01
N PRO B 90 -5.52 -0.33 22.98
CA PRO B 90 -5.49 -1.10 21.73
C PRO B 90 -6.89 -1.37 21.23
N LYS B 91 -7.09 -1.31 19.93
CA LYS B 91 -8.41 -1.59 19.41
C LYS B 91 -8.48 -3.04 18.96
N ILE B 92 -9.54 -3.72 19.40
CA ILE B 92 -9.72 -5.13 19.14
C ILE B 92 -10.94 -5.26 18.24
N VAL B 93 -10.71 -5.66 17.00
CA VAL B 93 -11.77 -5.78 16.00
C VAL B 93 -12.05 -7.26 15.79
N LYS B 94 -13.29 -7.68 16.05
CA LYS B 94 -13.65 -9.07 15.88
C LYS B 94 -13.86 -9.38 14.41
N TRP B 95 -13.67 -10.66 14.06
CA TRP B 95 -13.86 -11.12 12.70
C TRP B 95 -15.34 -11.38 12.45
N ASP B 96 -15.88 -10.72 11.43
CA ASP B 96 -17.26 -10.89 11.01
C ASP B 96 -17.22 -11.51 9.62
N ARG B 97 -17.78 -12.71 9.46
CA ARG B 97 -17.62 -13.42 8.21
C ARG B 97 -18.30 -12.76 7.01
N ASP B 98 -19.06 -11.67 7.19
CA ASP B 98 -19.52 -10.87 6.07
C ASP B 98 -19.08 -9.41 6.22
N MET B 99 -18.08 -9.15 7.07
CA MET B 99 -17.48 -7.82 7.25
C MET B 99 -18.47 -6.79 7.83
N ASN C 1 14.75 -1.61 -11.54
CA ASN C 1 16.06 -1.17 -11.10
C ASN C 1 15.97 0.05 -10.19
N TYR C 2 16.66 -0.05 -9.06
CA TYR C 2 16.82 1.08 -8.16
C TYR C 2 17.69 2.17 -8.81
N ASN C 3 17.60 3.37 -8.25
CA ASN C 3 18.44 4.49 -8.65
C ASN C 3 19.58 4.67 -7.65
N TYR C 4 20.65 5.32 -8.09
CA TYR C 4 21.72 5.72 -7.17
C TYR C 4 21.36 7.05 -6.51
N LEU C 5 21.19 7.04 -5.18
CA LEU C 5 20.70 8.18 -4.41
C LEU C 5 21.75 8.59 -3.39
N TYR C 6 22.44 9.70 -3.68
CA TYR C 6 23.49 10.22 -2.82
C TYR C 6 23.25 11.67 -2.41
N ARG C 7 22.15 12.27 -2.86
CA ARG C 7 21.99 13.71 -2.71
C ARG C 7 21.44 14.04 -1.32
N LEU C 8 22.09 14.96 -0.63
CA LEU C 8 21.67 15.35 0.71
C LEU C 8 20.64 16.47 0.65
N LEU C 9 19.84 16.58 1.71
CA LEU C 9 18.87 17.69 1.75
C LEU C 9 19.55 19.03 2.08
#